data_5HIN
#
_entry.id   5HIN
#
_cell.length_a   90.734
_cell.length_b   90.734
_cell.length_c   122.629
_cell.angle_alpha   90.00
_cell.angle_beta   90.00
_cell.angle_gamma   120.00
#
_symmetry.space_group_name_H-M   'P 32 2 1'
#
loop_
_entity.id
_entity.type
_entity.pdbx_description
1 polymer 'Dihydroorotate dehydrogenase (quinone), mitochondrial'
2 non-polymer 'FLAVIN MONONUCLEOTIDE'
3 non-polymer 'OROTIC ACID'
4 non-polymer 'SULFATE ION'
5 non-polymer 'methyl (2Z)-(3-{4-[(4-tert-butylphenyl)carbamoyl]phenyl}-4-oxo-1,3-thiazolidin-2-ylidene)(cyano)acetate'
6 non-polymer 'ACETATE ION'
7 water water
#
_entity_poly.entity_id   1
_entity_poly.type   'polypeptide(L)'
_entity_poly.pdbx_seq_one_letter_code
;MGHHHHHHHHHHSSGHIDDDDKHMATGDERFYAEHLMPTLQGLLDPESAHRLAVRFTSLGLLPRARFQDSDMLEVRVLGH
KFRNPVGIAAGFDKHGEAVDGLYKMGFGFVEIGSVTPKPQEGNPRPRVFRLPEDQAVINRYGFNSHGLSVVEHRLRARQQ
KQAKLTEDGLPLGVNLGKNKTSVDAAEDYAEGVRVLGPLADYLVVNVSSPNTAGLRSLQGKAELRRLLTKVLQERDGLRR
VHRPAVLVKIAPDLTSQDKEDIASVVKELGIDGLIVTNTTVSRPAGLQGALRSETGGLSGKPLRDLSTQTIREMYALTQG
RVPIIGVGGVSSGQDALEKIRAGASLVQLYTALTFWGPPVVGKVKRELEALLKEQGFGGVTDAIGADHRR
;
_entity_poly.pdbx_strand_id   A
#
loop_
_chem_comp.id
_chem_comp.type
_chem_comp.name
_chem_comp.formula
1KL non-polymer 'methyl (2Z)-(3-{4-[(4-tert-butylphenyl)carbamoyl]phenyl}-4-oxo-1,3-thiazolidin-2-ylidene)(cyano)acetate' 'C24 H23 N3 O4 S'
ACT non-polymer 'ACETATE ION' 'C2 H3 O2 -1'
FMN non-polymer 'FLAVIN MONONUCLEOTIDE' 'C17 H21 N4 O9 P'
ORO non-polymer 'OROTIC ACID' 'C5 H4 N2 O4'
SO4 non-polymer 'SULFATE ION' 'O4 S -2'
#
# COMPACT_ATOMS: atom_id res chain seq x y z
N THR A 26 -19.63 4.77 -14.94
CA THR A 26 -19.49 5.77 -16.02
C THR A 26 -19.15 5.07 -17.36
N GLY A 27 -19.09 5.91 -18.40
CA GLY A 27 -18.66 5.46 -19.71
C GLY A 27 -17.18 5.12 -19.74
N ASP A 28 -16.36 5.92 -19.06
CA ASP A 28 -14.94 5.60 -18.99
C ASP A 28 -14.80 4.25 -18.26
N GLU A 29 -15.57 4.04 -17.17
CA GLU A 29 -15.34 2.83 -16.37
C GLU A 29 -15.54 1.62 -17.30
N ARG A 30 -16.68 1.59 -18.03
CA ARG A 30 -16.93 0.52 -18.96
C ARG A 30 -15.91 0.33 -20.12
N PHE A 31 -15.52 1.46 -20.68
CA PHE A 31 -14.59 1.40 -21.83
C PHE A 31 -13.23 0.86 -21.40
N TYR A 32 -12.80 1.29 -20.22
CA TYR A 32 -11.49 0.77 -19.72
C TYR A 32 -11.55 -0.70 -19.38
N ALA A 33 -12.63 -1.11 -18.70
CA ALA A 33 -12.68 -2.49 -18.23
C ALA A 33 -13.02 -3.44 -19.30
N GLU A 34 -13.88 -2.99 -20.22
CA GLU A 34 -14.36 -3.91 -21.24
C GLU A 34 -13.53 -3.90 -22.50
N HIS A 35 -12.83 -2.78 -22.80
CA HIS A 35 -12.05 -2.61 -24.04
C HIS A 35 -10.58 -2.26 -23.93
N LEU A 36 -10.23 -1.18 -23.25
CA LEU A 36 -8.86 -0.77 -23.25
C LEU A 36 -7.96 -1.73 -22.50
N MET A 37 -8.33 -2.08 -21.24
CA MET A 37 -7.40 -2.98 -20.52
C MET A 37 -7.26 -4.38 -21.12
N PRO A 38 -8.36 -5.00 -21.63
CA PRO A 38 -8.15 -6.29 -22.29
C PRO A 38 -7.26 -6.17 -23.55
N THR A 39 -7.32 -5.03 -24.24
CA THR A 39 -6.49 -4.81 -25.38
C THR A 39 -5.03 -4.66 -25.00
N LEU A 40 -4.74 -3.75 -24.05
CA LEU A 40 -3.38 -3.60 -23.52
C LEU A 40 -2.81 -4.88 -23.04
N GLN A 41 -3.61 -5.63 -22.27
CA GLN A 41 -3.16 -6.88 -21.68
C GLN A 41 -2.71 -7.83 -22.77
N GLY A 42 -3.49 -7.85 -23.84
CA GLY A 42 -3.21 -8.70 -25.02
C GLY A 42 -1.97 -8.33 -25.80
N LEU A 43 -1.55 -7.07 -25.77
CA LEU A 43 -0.42 -6.63 -26.53
C LEU A 43 0.89 -6.63 -25.73
N LEU A 44 0.81 -6.51 -24.41
CA LEU A 44 1.99 -6.24 -23.59
C LEU A 44 2.01 -7.24 -22.46
N ASP A 45 3.18 -7.69 -22.12
CA ASP A 45 3.37 -8.49 -20.94
C ASP A 45 3.21 -7.57 -19.74
N PRO A 46 2.93 -8.17 -18.57
CA PRO A 46 2.57 -7.32 -17.46
C PRO A 46 3.62 -6.31 -16.96
N GLU A 47 4.90 -6.68 -17.00
CA GLU A 47 5.98 -5.77 -16.65
C GLU A 47 5.95 -4.60 -17.63
N SER A 48 5.92 -4.88 -18.94
CA SER A 48 5.86 -3.79 -19.90
C SER A 48 4.67 -2.90 -19.78
N ALA A 49 3.49 -3.49 -19.45
CA ALA A 49 2.36 -2.73 -19.23
C ALA A 49 2.53 -1.82 -17.96
N HIS A 50 3.13 -2.38 -16.91
CA HIS A 50 3.43 -1.59 -15.67
C HIS A 50 4.30 -0.32 -16.03
N ARG A 51 5.38 -0.64 -16.75
CA ARG A 51 6.29 0.47 -17.11
C ARG A 51 5.61 1.50 -17.93
N LEU A 52 4.76 1.12 -18.88
CA LEU A 52 3.98 2.10 -19.67
C LEU A 52 3.03 2.88 -18.84
N ALA A 53 2.38 2.17 -17.84
CA ALA A 53 1.49 2.81 -16.97
C ALA A 53 2.15 3.94 -16.13
N VAL A 54 3.34 3.66 -15.68
CA VAL A 54 4.14 4.59 -14.86
C VAL A 54 4.45 5.86 -15.78
N ARG A 55 4.78 5.56 -17.00
CA ARG A 55 5.08 6.70 -17.94
C ARG A 55 3.88 7.48 -18.25
N PHE A 56 2.77 6.82 -18.57
CA PHE A 56 1.55 7.57 -18.83
C PHE A 56 1.10 8.42 -17.65
N THR A 57 1.24 7.80 -16.42
CA THR A 57 0.77 8.46 -15.23
C THR A 57 1.64 9.70 -14.98
N SER A 58 2.93 9.51 -15.08
CA SER A 58 3.88 10.60 -14.84
C SER A 58 3.68 11.76 -15.77
N LEU A 59 3.15 11.51 -16.95
CA LEU A 59 2.76 12.58 -17.96
C LEU A 59 1.34 13.10 -17.83
N GLY A 60 0.55 12.53 -16.92
CA GLY A 60 -0.80 12.99 -16.72
C GLY A 60 -1.75 12.49 -17.84
N LEU A 61 -1.39 11.48 -18.58
CA LEU A 61 -2.24 10.97 -19.68
C LEU A 61 -3.23 9.99 -19.12
N LEU A 62 -4.21 10.57 -18.48
CA LEU A 62 -5.14 9.81 -17.63
C LEU A 62 -6.56 10.26 -17.94
N PRO A 63 -7.56 9.37 -17.78
CA PRO A 63 -8.93 9.85 -17.88
C PRO A 63 -9.27 10.91 -16.78
N ARG A 64 -10.22 11.80 -17.06
CA ARG A 64 -10.68 12.76 -16.04
C ARG A 64 -11.17 12.00 -14.81
N ALA A 65 -10.76 12.47 -13.64
CA ALA A 65 -11.33 12.01 -12.38
C ALA A 65 -12.48 12.96 -12.11
N ARG A 66 -13.58 12.66 -12.78
CA ARG A 66 -14.89 13.33 -12.65
C ARG A 66 -15.38 13.41 -11.18
N PHE A 67 -14.95 12.45 -10.36
CA PHE A 67 -15.43 12.39 -8.96
C PHE A 67 -14.92 13.52 -8.05
N GLN A 68 -15.83 14.18 -7.36
CA GLN A 68 -15.46 15.27 -6.45
C GLN A 68 -15.53 14.72 -5.05
N ASP A 69 -14.41 14.77 -4.31
CA ASP A 69 -14.40 14.15 -2.98
C ASP A 69 -15.37 14.95 -2.09
N SER A 70 -16.27 14.25 -1.46
CA SER A 70 -17.20 14.84 -0.52
C SER A 70 -16.56 14.88 0.79
N ASP A 71 -17.06 15.74 1.64
CA ASP A 71 -16.65 15.77 3.00
C ASP A 71 -16.75 14.44 3.80
N MET A 72 -17.68 13.56 3.41
CA MET A 72 -17.96 12.34 4.13
C MET A 72 -16.73 11.40 3.95
N LEU A 73 -15.93 11.69 2.96
CA LEU A 73 -14.75 10.78 2.71
C LEU A 73 -13.51 11.22 3.41
N GLU A 74 -13.46 12.39 4.01
CA GLU A 74 -12.29 12.85 4.72
C GLU A 74 -12.01 12.11 6.00
N VAL A 75 -10.77 11.74 6.25
CA VAL A 75 -10.35 11.12 7.44
C VAL A 75 -9.16 11.82 8.00
N ARG A 76 -9.14 11.96 9.32
CA ARG A 76 -7.97 12.44 10.02
C ARG A 76 -7.32 11.37 10.79
N VAL A 77 -6.10 11.01 10.42
CA VAL A 77 -5.30 10.01 11.10
C VAL A 77 -3.73 10.19 10.88
N LEU A 78 -2.80 9.53 11.62
CA LEU A 78 -1.37 9.60 11.38
C LEU A 78 -0.86 11.02 11.39
N GLY A 79 -1.61 11.93 12.00
CA GLY A 79 -1.16 13.34 12.12
C GLY A 79 -1.50 14.15 10.88
N HIS A 80 -2.40 13.62 10.08
CA HIS A 80 -2.83 14.31 8.92
C HIS A 80 -4.32 14.17 8.50
N LYS A 81 -4.78 15.16 7.74
CA LYS A 81 -5.98 15.07 6.93
C LYS A 81 -5.71 14.29 5.63
N PHE A 82 -6.66 13.39 5.34
CA PHE A 82 -6.69 12.70 4.09
C PHE A 82 -7.98 13.02 3.38
N ARG A 83 -7.96 13.59 2.21
CA ARG A 83 -9.14 14.08 1.54
C ARG A 83 -10.15 12.94 1.24
N ASN A 84 -9.58 11.76 0.91
CA ASN A 84 -10.39 10.54 0.70
C ASN A 84 -9.53 9.42 1.25
N PRO A 85 -10.12 8.27 1.51
CA PRO A 85 -9.37 7.22 2.18
C PRO A 85 -8.79 6.19 1.21
N VAL A 86 -8.73 6.44 -0.07
CA VAL A 86 -8.31 5.46 -1.05
C VAL A 86 -6.92 5.83 -1.56
N GLY A 87 -5.94 5.04 -1.27
CA GLY A 87 -4.58 5.28 -1.66
C GLY A 87 -4.08 4.26 -2.66
N ILE A 88 -2.99 4.64 -3.33
CA ILE A 88 -2.22 3.71 -4.17
C ILE A 88 -1.20 2.96 -3.37
N ALA A 89 -1.29 1.62 -3.37
CA ALA A 89 -0.38 0.79 -2.60
C ALA A 89 1.07 0.84 -3.09
N ALA A 90 2.01 0.51 -2.29
CA ALA A 90 3.40 0.38 -2.67
C ALA A 90 3.52 -0.56 -3.83
N GLY A 91 4.50 -0.30 -4.68
CA GLY A 91 4.85 -1.18 -5.75
C GLY A 91 4.45 -0.70 -7.12
N PHE A 92 3.57 0.25 -7.18
CA PHE A 92 3.13 0.81 -8.47
C PHE A 92 4.20 1.83 -8.82
N ASP A 93 4.42 2.76 -7.94
CA ASP A 93 5.50 3.82 -8.21
C ASP A 93 6.70 3.49 -7.25
N LYS A 94 7.51 2.54 -7.59
CA LYS A 94 8.58 2.08 -6.80
C LYS A 94 9.62 3.15 -6.51
N HIS A 95 9.79 3.99 -7.54
CA HIS A 95 10.95 4.93 -7.52
C HIS A 95 10.52 6.39 -7.47
N GLY A 96 9.31 6.72 -7.17
CA GLY A 96 8.82 8.07 -7.01
C GLY A 96 8.80 8.88 -8.28
N GLU A 97 8.42 8.28 -9.34
CA GLU A 97 8.37 8.90 -10.69
C GLU A 97 7.03 9.43 -11.08
N ALA A 98 5.94 9.03 -10.43
CA ALA A 98 4.60 9.28 -10.86
C ALA A 98 3.68 9.84 -9.81
N VAL A 99 4.18 10.45 -8.74
CA VAL A 99 3.43 10.85 -7.62
C VAL A 99 2.35 11.80 -7.98
N ASP A 100 2.69 12.87 -8.75
CA ASP A 100 1.67 13.80 -9.09
C ASP A 100 0.52 13.27 -9.97
N GLY A 101 0.89 12.45 -10.87
CA GLY A 101 -0.03 11.69 -11.72
C GLY A 101 -0.98 10.84 -10.90
N LEU A 102 -0.45 10.28 -9.84
CA LEU A 102 -1.32 9.42 -9.00
C LEU A 102 -2.32 10.25 -8.26
N TYR A 103 -1.97 11.42 -7.73
CA TYR A 103 -2.99 12.31 -7.23
C TYR A 103 -4.02 12.68 -8.27
N LYS A 104 -3.53 12.89 -9.49
CA LYS A 104 -4.47 13.25 -10.56
C LYS A 104 -5.48 12.15 -10.79
N MET A 105 -5.08 10.92 -10.58
CA MET A 105 -5.98 9.80 -10.70
C MET A 105 -7.10 9.83 -9.69
N GLY A 106 -6.94 10.50 -8.57
CA GLY A 106 -7.93 10.66 -7.57
C GLY A 106 -7.65 9.97 -6.25
N PHE A 107 -6.41 9.47 -6.14
CA PHE A 107 -6.02 8.86 -4.86
C PHE A 107 -5.93 9.89 -3.77
N GLY A 108 -6.35 9.63 -2.55
CA GLY A 108 -6.29 10.50 -1.38
C GLY A 108 -4.91 10.56 -0.77
N PHE A 109 -4.06 9.61 -1.12
CA PHE A 109 -2.71 9.52 -0.60
C PHE A 109 -1.92 8.62 -1.52
N VAL A 110 -0.60 8.79 -1.58
CA VAL A 110 0.24 8.05 -2.39
C VAL A 110 1.32 7.43 -1.62
N GLU A 111 1.67 6.17 -1.82
CA GLU A 111 2.80 5.52 -1.22
C GLU A 111 3.73 5.07 -2.28
N ILE A 112 4.99 5.48 -2.21
CA ILE A 112 6.00 5.06 -3.13
C ILE A 112 6.89 4.01 -2.55
N GLY A 113 7.67 3.33 -3.35
CA GLY A 113 8.54 2.24 -2.91
C GLY A 113 7.97 0.87 -3.24
N SER A 114 8.65 -0.14 -2.72
CA SER A 114 9.77 -0.11 -1.77
C SER A 114 11.05 0.42 -2.36
N VAL A 115 11.76 1.20 -1.57
CA VAL A 115 13.12 1.75 -1.94
C VAL A 115 14.12 1.08 -1.10
N THR A 116 15.23 0.63 -1.74
CA THR A 116 16.31 -0.01 -1.07
C THR A 116 17.52 1.01 -0.93
N PRO A 117 18.41 0.76 0.01
CA PRO A 117 19.53 1.76 0.13
C PRO A 117 20.32 1.92 -1.07
N LYS A 118 20.85 0.87 -1.63
CA LYS A 118 21.61 0.94 -2.88
C LYS A 118 20.73 0.57 -4.03
N PRO A 119 20.96 1.02 -5.23
CA PRO A 119 20.26 0.52 -6.42
C PRO A 119 20.44 -0.98 -6.55
N GLN A 120 19.39 -1.61 -7.04
CA GLN A 120 19.43 -3.05 -7.29
C GLN A 120 18.42 -3.42 -8.37
N GLU A 121 18.74 -4.46 -9.11
CA GLU A 121 17.98 -4.78 -10.28
C GLU A 121 16.68 -5.61 -10.02
N GLY A 122 16.75 -6.31 -8.96
CA GLY A 122 15.67 -7.30 -8.68
C GLY A 122 15.87 -8.56 -9.49
N ASN A 123 14.82 -9.38 -9.48
CA ASN A 123 14.93 -10.70 -10.11
C ASN A 123 14.90 -10.67 -11.65
N PRO A 124 15.36 -11.74 -12.27
CA PRO A 124 15.25 -11.85 -13.72
C PRO A 124 13.86 -11.88 -14.28
N ARG A 125 13.65 -11.42 -15.51
CA ARG A 125 12.37 -11.36 -16.24
C ARG A 125 12.10 -12.66 -16.99
N PRO A 126 10.86 -13.16 -17.02
CA PRO A 126 9.66 -12.53 -16.43
C PRO A 126 9.51 -12.73 -14.93
N ARG A 127 8.88 -11.75 -14.31
CA ARG A 127 8.73 -11.69 -12.86
C ARG A 127 7.40 -11.11 -12.45
N VAL A 128 6.53 -10.92 -13.34
CA VAL A 128 5.14 -10.41 -13.07
C VAL A 128 4.19 -11.19 -13.98
N PHE A 129 3.06 -11.70 -13.47
CA PHE A 129 2.20 -12.67 -14.16
C PHE A 129 0.78 -12.26 -13.91
N ARG A 130 -0.05 -12.18 -14.93
CA ARG A 130 -1.44 -11.83 -14.78
C ARG A 130 -2.29 -13.13 -14.77
N LEU A 131 -3.26 -13.20 -13.89
CA LEU A 131 -4.20 -14.35 -13.71
C LEU A 131 -5.57 -13.83 -13.97
N PRO A 132 -5.91 -13.54 -15.19
CA PRO A 132 -7.19 -12.87 -15.45
C PRO A 132 -8.47 -13.62 -14.99
N GLU A 133 -8.43 -14.94 -15.05
CA GLU A 133 -9.62 -15.77 -14.70
C GLU A 133 -9.82 -15.58 -13.20
N ASP A 134 -8.84 -15.09 -12.46
CA ASP A 134 -8.87 -14.98 -10.97
C ASP A 134 -8.87 -13.49 -10.57
N GLN A 135 -8.84 -12.54 -11.49
CA GLN A 135 -8.68 -11.16 -11.17
C GLN A 135 -7.48 -11.01 -10.21
N ALA A 136 -6.35 -11.64 -10.49
CA ALA A 136 -5.23 -11.69 -9.62
C ALA A 136 -3.92 -11.42 -10.42
N VAL A 137 -2.85 -11.16 -9.68
CA VAL A 137 -1.50 -11.07 -10.21
C VAL A 137 -0.64 -11.78 -9.27
N ILE A 138 0.48 -12.38 -9.84
CA ILE A 138 1.56 -12.89 -9.05
C ILE A 138 2.85 -12.14 -9.40
N ASN A 139 3.57 -11.63 -8.45
CA ASN A 139 4.84 -10.94 -8.76
C ASN A 139 5.94 -11.46 -7.88
N ARG A 140 7.17 -11.44 -8.52
CA ARG A 140 8.41 -11.72 -7.85
C ARG A 140 9.45 -10.64 -8.27
N TYR A 141 9.11 -9.37 -8.22
CA TYR A 141 10.04 -8.33 -8.63
C TYR A 141 11.38 -8.40 -7.92
N GLY A 142 11.35 -8.66 -6.61
CA GLY A 142 12.57 -8.76 -5.84
C GLY A 142 13.10 -7.39 -5.52
N PHE A 143 12.27 -6.41 -5.22
CA PHE A 143 12.78 -5.15 -4.80
C PHE A 143 13.71 -4.47 -5.82
N ASN A 144 13.30 -4.47 -7.05
CA ASN A 144 13.96 -3.64 -8.07
C ASN A 144 13.88 -2.16 -7.54
N SER A 145 15.00 -1.45 -7.48
CA SER A 145 14.93 -0.12 -6.92
C SER A 145 16.06 0.80 -7.48
N HIS A 146 15.66 1.98 -7.77
CA HIS A 146 16.65 3.07 -8.12
C HIS A 146 17.52 3.44 -6.94
N GLY A 147 17.20 3.05 -5.71
CA GLY A 147 17.95 3.30 -4.52
C GLY A 147 17.65 4.66 -3.90
N LEU A 148 18.04 4.83 -2.64
CA LEU A 148 17.71 5.98 -1.84
C LEU A 148 18.15 7.33 -2.45
N SER A 149 19.37 7.33 -2.94
CA SER A 149 19.88 8.63 -3.40
CA SER A 149 19.87 8.64 -3.38
C SER A 149 19.10 9.21 -4.59
N VAL A 150 18.81 8.33 -5.56
CA VAL A 150 18.01 8.72 -6.70
C VAL A 150 16.65 9.20 -6.31
N VAL A 151 15.99 8.39 -5.44
CA VAL A 151 14.68 8.77 -5.03
C VAL A 151 14.61 10.05 -4.21
N GLU A 152 15.61 10.22 -3.32
CA GLU A 152 15.82 11.43 -2.50
C GLU A 152 15.81 12.69 -3.42
N HIS A 153 16.64 12.61 -4.42
CA HIS A 153 16.71 13.74 -5.31
C HIS A 153 15.44 13.99 -6.09
N ARG A 154 14.77 12.92 -6.47
CA ARG A 154 13.48 13.04 -7.14
C ARG A 154 12.40 13.69 -6.23
N LEU A 155 12.34 13.32 -4.97
CA LEU A 155 11.41 13.90 -4.10
C LEU A 155 11.77 15.34 -3.72
N ARG A 156 13.08 15.59 -3.60
CA ARG A 156 13.52 16.97 -3.32
C ARG A 156 13.11 17.98 -4.42
N ALA A 157 13.04 17.47 -5.61
CA ALA A 157 12.69 18.39 -6.78
C ALA A 157 11.27 18.89 -6.68
N ARG A 158 10.40 18.16 -5.95
CA ARG A 158 9.00 18.53 -5.80
C ARG A 158 8.59 18.62 -4.32
N GLN A 159 9.53 18.90 -3.43
CA GLN A 159 9.33 18.88 -1.98
C GLN A 159 8.25 19.87 -1.59
N GLN A 160 8.32 21.09 -2.12
CA GLN A 160 7.34 22.12 -1.72
C GLN A 160 5.97 21.92 -2.29
N LYS A 161 5.93 21.47 -3.50
CA LYS A 161 4.71 21.00 -4.16
C LYS A 161 4.06 19.91 -3.29
N GLN A 162 4.87 18.99 -2.77
CA GLN A 162 4.31 17.99 -1.80
C GLN A 162 3.85 18.60 -0.53
N ALA A 163 4.61 19.55 0.07
CA ALA A 163 4.15 20.13 1.32
C ALA A 163 2.83 20.77 1.12
N LYS A 164 2.54 21.40 -0.02
CA LYS A 164 1.22 22.02 -0.28
C LYS A 164 0.10 20.91 -0.40
N LEU A 165 0.47 19.86 -1.11
CA LEU A 165 -0.48 18.70 -1.29
C LEU A 165 -0.81 18.15 0.07
N THR A 166 0.17 17.92 0.90
CA THR A 166 -0.08 17.38 2.24
C THR A 166 -1.02 18.25 3.05
N GLU A 167 -0.70 19.57 2.98
CA GLU A 167 -1.55 20.51 3.70
C GLU A 167 -2.97 20.50 3.17
N ASP A 168 -3.16 20.24 1.93
CA ASP A 168 -4.46 20.20 1.29
C ASP A 168 -5.14 18.79 1.42
N GLY A 169 -4.55 17.93 2.25
CA GLY A 169 -5.17 16.63 2.50
C GLY A 169 -4.72 15.52 1.58
N LEU A 170 -3.53 15.61 1.01
CA LEU A 170 -3.02 14.61 0.04
C LEU A 170 -1.62 14.18 0.50
N PRO A 171 -1.48 13.33 1.51
CA PRO A 171 -0.17 12.99 2.06
C PRO A 171 0.59 11.97 1.21
N LEU A 172 1.86 11.82 1.53
CA LEU A 172 2.81 10.98 0.84
C LEU A 172 3.48 10.07 1.81
N GLY A 173 3.44 8.76 1.48
CA GLY A 173 4.11 7.73 2.27
C GLY A 173 5.29 7.18 1.45
N VAL A 174 6.31 6.71 2.12
CA VAL A 174 7.49 6.10 1.53
C VAL A 174 7.73 4.74 2.16
N ASN A 175 7.76 3.70 1.40
CA ASN A 175 7.97 2.35 1.88
C ASN A 175 9.42 1.94 1.68
N LEU A 176 10.03 1.55 2.76
CA LEU A 176 11.47 1.25 2.83
C LEU A 176 11.79 -0.23 2.79
N GLY A 177 12.67 -0.68 1.92
CA GLY A 177 13.12 -2.04 1.82
C GLY A 177 14.58 -2.14 2.22
N LYS A 178 15.05 -3.39 1.97
CA LYS A 178 16.43 -3.75 2.30
C LYS A 178 17.07 -4.37 1.06
N ASN A 179 18.37 -4.15 0.85
CA ASN A 179 19.02 -4.78 -0.29
C ASN A 179 19.23 -6.31 -0.04
N LYS A 180 19.26 -6.96 -1.15
CA LYS A 180 19.39 -8.45 -1.20
C LYS A 180 20.67 -8.90 -0.47
N THR A 181 21.74 -8.18 -0.67
CA THR A 181 23.03 -8.65 -0.08
C THR A 181 23.39 -7.95 1.21
N SER A 182 22.45 -7.22 1.78
CA SER A 182 22.73 -6.53 3.05
C SER A 182 23.11 -7.51 4.17
N VAL A 183 24.10 -7.14 4.96
CA VAL A 183 24.49 -7.89 6.16
C VAL A 183 23.84 -7.39 7.47
N ASP A 184 23.04 -6.33 7.43
CA ASP A 184 22.45 -5.80 8.65
C ASP A 184 21.13 -5.14 8.25
N ALA A 185 20.04 -5.89 8.35
CA ALA A 185 18.73 -5.38 7.85
C ALA A 185 18.31 -4.10 8.54
N ALA A 186 18.44 -4.05 9.85
CA ALA A 186 18.05 -2.90 10.61
C ALA A 186 18.80 -1.67 10.12
N GLU A 187 20.06 -1.82 9.85
CA GLU A 187 20.83 -0.69 9.33
C GLU A 187 20.29 -0.18 7.94
N ASP A 188 19.87 -1.09 7.09
CA ASP A 188 19.25 -0.69 5.80
C ASP A 188 18.05 0.20 6.09
N TYR A 189 17.15 -0.28 7.00
CA TYR A 189 15.96 0.49 7.30
C TYR A 189 16.34 1.87 7.90
N ALA A 190 17.28 1.85 8.85
CA ALA A 190 17.73 3.11 9.47
C ALA A 190 18.25 4.08 8.43
N GLU A 191 19.01 3.62 7.47
CA GLU A 191 19.49 4.47 6.34
C GLU A 191 18.31 5.08 5.63
N GLY A 192 17.24 4.27 5.35
CA GLY A 192 16.08 4.80 4.72
C GLY A 192 15.36 5.88 5.46
N VAL A 193 15.25 5.68 6.81
CA VAL A 193 14.64 6.67 7.68
C VAL A 193 15.45 8.00 7.57
N ARG A 194 16.75 7.92 7.62
CA ARG A 194 17.53 9.13 7.58
C ARG A 194 17.46 9.84 6.27
N VAL A 195 17.37 9.08 5.21
CA VAL A 195 17.44 9.72 3.87
C VAL A 195 16.11 10.19 3.40
N LEU A 196 15.08 9.31 3.46
CA LEU A 196 13.75 9.65 3.01
C LEU A 196 12.70 10.06 4.03
N GLY A 197 12.98 9.75 5.32
CA GLY A 197 12.11 10.24 6.35
C GLY A 197 11.73 11.67 6.31
N PRO A 198 12.74 12.49 6.06
CA PRO A 198 12.47 13.93 6.02
C PRO A 198 11.59 14.43 4.90
N LEU A 199 11.33 13.56 3.93
CA LEU A 199 10.52 13.85 2.77
C LEU A 199 9.15 13.18 2.73
N ALA A 200 8.88 12.46 3.81
CA ALA A 200 7.66 11.69 3.88
C ALA A 200 6.71 12.07 4.98
N ASP A 201 5.42 11.92 4.74
CA ASP A 201 4.47 12.08 5.84
C ASP A 201 4.42 10.81 6.68
N TYR A 202 4.64 9.63 6.09
CA TYR A 202 4.78 8.41 6.82
C TYR A 202 5.77 7.54 6.11
N LEU A 203 6.45 6.69 6.86
CA LEU A 203 7.34 5.65 6.44
C LEU A 203 6.74 4.30 6.68
N VAL A 204 7.07 3.34 5.86
CA VAL A 204 6.63 1.95 6.06
C VAL A 204 7.80 1.06 6.12
N VAL A 205 7.93 0.23 7.15
CA VAL A 205 8.85 -0.84 7.24
C VAL A 205 8.17 -2.05 6.86
N ASN A 206 8.58 -2.39 5.67
CA ASN A 206 8.06 -3.42 4.98
C ASN A 206 8.81 -4.59 5.35
N VAL A 207 8.32 -5.36 6.30
CA VAL A 207 9.03 -6.52 6.59
C VAL A 207 8.23 -7.74 6.04
N SER A 208 7.49 -7.52 4.95
CA SER A 208 6.64 -8.58 4.43
C SER A 208 6.74 -8.95 2.99
N SER A 209 7.71 -8.43 2.27
CA SER A 209 7.84 -9.00 0.87
C SER A 209 8.06 -10.49 0.89
N PRO A 210 7.30 -11.22 0.03
CA PRO A 210 7.62 -12.65 -0.11
C PRO A 210 8.86 -12.98 -0.93
N ASN A 211 9.46 -11.93 -1.48
CA ASN A 211 10.48 -12.05 -2.59
C ASN A 211 11.85 -11.60 -2.23
N THR A 212 12.11 -11.47 -0.91
CA THR A 212 13.50 -11.24 -0.44
C THR A 212 13.73 -12.27 0.67
N ALA A 213 14.70 -13.15 0.43
CA ALA A 213 15.11 -14.25 1.35
C ALA A 213 15.32 -13.72 2.80
N GLY A 214 14.75 -14.42 3.79
CA GLY A 214 14.87 -13.98 5.18
C GLY A 214 14.03 -12.78 5.60
N LEU A 215 13.51 -11.97 4.65
CA LEU A 215 12.87 -10.69 5.04
C LEU A 215 11.73 -10.92 6.04
N ARG A 216 10.82 -11.86 5.76
CA ARG A 216 9.58 -11.96 6.57
C ARG A 216 9.86 -12.48 8.01
N SER A 217 11.03 -13.15 8.19
CA SER A 217 11.57 -13.47 9.56
C SER A 217 11.78 -12.23 10.43
N LEU A 218 11.95 -11.04 9.82
CA LEU A 218 12.02 -9.79 10.59
C LEU A 218 10.68 -9.50 11.29
N GLN A 219 9.60 -10.22 10.90
CA GLN A 219 8.31 -10.18 11.63
C GLN A 219 8.25 -10.91 13.02
N GLY A 220 9.23 -11.73 13.37
CA GLY A 220 9.24 -12.38 14.69
C GLY A 220 9.54 -11.43 15.86
N LYS A 221 9.49 -11.88 17.10
CA LYS A 221 9.67 -11.09 18.32
C LYS A 221 10.80 -10.15 18.90
N ALA A 222 11.76 -10.66 19.70
CA ALA A 222 12.78 -9.78 20.40
C ALA A 222 13.64 -9.09 19.37
N GLU A 223 13.58 -9.65 18.17
CA GLU A 223 14.27 -9.22 16.99
C GLU A 223 13.47 -8.18 16.20
N LEU A 224 12.15 -8.36 16.09
CA LEU A 224 11.33 -7.34 15.51
C LEU A 224 11.42 -6.07 16.48
N ARG A 225 11.40 -6.33 17.78
CA ARG A 225 11.48 -5.27 18.79
C ARG A 225 12.86 -4.55 18.59
N ARG A 226 13.90 -5.33 18.38
CA ARG A 226 15.26 -4.69 18.17
C ARG A 226 15.25 -3.82 16.87
N LEU A 227 14.74 -4.35 15.79
CA LEU A 227 14.64 -3.63 14.53
C LEU A 227 13.81 -2.38 14.66
N LEU A 228 12.61 -2.49 15.22
CA LEU A 228 11.72 -1.40 15.28
C LEU A 228 12.24 -0.27 16.24
N THR A 229 12.87 -0.77 17.36
CA THR A 229 13.46 0.21 18.29
C THR A 229 14.48 1.10 17.52
N LYS A 230 15.31 0.48 16.71
CA LYS A 230 16.32 1.25 15.96
C LYS A 230 15.66 2.18 14.98
N VAL A 231 14.65 1.67 14.27
CA VAL A 231 13.94 2.56 13.29
C VAL A 231 13.31 3.73 13.99
N LEU A 232 12.63 3.59 15.15
CA LEU A 232 11.99 4.65 15.86
C LEU A 232 13.04 5.67 16.38
N GLN A 233 14.14 5.14 16.86
CA GLN A 233 15.23 6.01 17.42
C GLN A 233 15.65 6.93 16.24
N GLU A 234 15.89 6.36 15.09
CA GLU A 234 16.35 7.18 13.95
C GLU A 234 15.29 8.20 13.61
N ARG A 235 13.97 7.83 13.55
CA ARG A 235 12.93 8.72 13.25
C ARG A 235 12.85 9.91 14.26
N ASP A 236 12.95 9.57 15.56
CA ASP A 236 12.81 10.53 16.59
C ASP A 236 14.00 11.56 16.56
N GLY A 237 15.06 11.15 15.92
CA GLY A 237 16.23 12.04 15.73
C GLY A 237 16.03 13.04 14.64
N LEU A 238 15.01 12.98 13.83
CA LEU A 238 14.76 13.98 12.79
C LEU A 238 14.12 15.17 13.38
N ARG A 239 14.39 16.32 12.78
CA ARG A 239 13.76 17.58 13.19
C ARG A 239 12.25 17.51 13.11
N ARG A 240 11.56 18.21 14.02
CA ARG A 240 10.08 18.01 14.15
C ARG A 240 9.32 18.16 12.89
N VAL A 241 9.54 19.20 12.06
CA VAL A 241 8.77 19.28 10.79
C VAL A 241 9.04 18.18 9.75
N HIS A 242 10.12 17.46 9.96
CA HIS A 242 10.58 16.44 9.07
C HIS A 242 10.44 15.06 9.69
N ARG A 243 9.59 14.88 10.68
CA ARG A 243 9.49 13.64 11.48
C ARG A 243 8.23 12.86 11.02
N PRO A 244 8.44 11.83 10.25
CA PRO A 244 7.25 11.05 9.80
C PRO A 244 6.67 10.09 10.83
N ALA A 245 5.42 9.73 10.55
CA ALA A 245 4.85 8.54 11.23
C ALA A 245 5.54 7.32 10.72
N VAL A 246 5.61 6.25 11.51
CA VAL A 246 6.24 5.01 11.12
C VAL A 246 5.18 3.88 11.25
N LEU A 247 5.00 3.15 10.14
CA LEU A 247 4.07 2.00 10.08
C LEU A 247 4.81 0.76 9.75
N VAL A 248 4.26 -0.40 10.19
CA VAL A 248 4.79 -1.69 9.86
C VAL A 248 3.78 -2.35 8.89
N LYS A 249 4.29 -2.89 7.77
CA LYS A 249 3.48 -3.61 6.78
C LYS A 249 3.74 -5.11 6.94
N ILE A 250 2.63 -5.83 7.09
CA ILE A 250 2.66 -7.24 7.38
C ILE A 250 2.00 -8.03 6.32
N ALA A 251 2.40 -9.32 6.32
CA ALA A 251 1.93 -10.23 5.43
C ALA A 251 0.57 -10.80 5.85
N PRO A 252 -0.09 -11.46 4.95
CA PRO A 252 -1.33 -12.12 5.30
C PRO A 252 -1.13 -13.58 5.71
N ASP A 253 0.08 -14.03 5.73
CA ASP A 253 0.43 -15.41 6.00
C ASP A 253 1.00 -15.69 7.38
N LEU A 254 0.78 -14.77 8.26
CA LEU A 254 1.31 -14.89 9.65
C LEU A 254 0.56 -15.90 10.41
N THR A 255 1.35 -16.54 11.31
CA THR A 255 0.69 -17.35 12.33
C THR A 255 -0.05 -16.50 13.38
N SER A 256 -0.92 -17.12 14.18
CA SER A 256 -1.58 -16.45 15.25
C SER A 256 -0.48 -15.91 16.23
N GLN A 257 0.55 -16.71 16.44
CA GLN A 257 1.66 -16.32 17.34
C GLN A 257 2.37 -15.02 16.82
N ASP A 258 2.62 -15.04 15.53
CA ASP A 258 3.31 -13.87 14.90
C ASP A 258 2.40 -12.64 15.06
N LYS A 259 1.09 -12.75 14.81
CA LYS A 259 0.14 -11.66 14.88
C LYS A 259 0.20 -11.03 16.34
N GLU A 260 0.13 -11.93 17.30
CA GLU A 260 0.09 -11.54 18.71
C GLU A 260 1.33 -10.81 19.11
N ASP A 261 2.44 -11.33 18.65
CA ASP A 261 3.81 -10.79 18.90
C ASP A 261 3.87 -9.39 18.27
N ILE A 262 3.44 -9.27 17.02
CA ILE A 262 3.50 -7.98 16.38
C ILE A 262 2.66 -6.95 17.07
N ALA A 263 1.45 -7.28 17.49
CA ALA A 263 0.57 -6.41 18.17
C ALA A 263 1.24 -5.94 19.51
N SER A 264 1.80 -6.89 20.22
CA SER A 264 2.53 -6.62 21.46
C SER A 264 3.67 -5.57 21.32
N VAL A 265 4.43 -5.79 20.28
CA VAL A 265 5.61 -4.94 20.05
C VAL A 265 5.12 -3.60 19.61
N VAL A 266 4.14 -3.53 18.72
CA VAL A 266 3.62 -2.28 18.24
C VAL A 266 3.09 -1.37 19.36
N LYS A 267 2.42 -2.02 20.31
CA LYS A 267 1.92 -1.31 21.50
C LYS A 267 3.02 -0.88 22.38
N GLU A 268 3.96 -1.70 22.65
CA GLU A 268 5.07 -1.47 23.58
C GLU A 268 5.89 -0.24 23.04
N LEU A 269 6.12 -0.20 21.74
CA LEU A 269 7.05 0.83 21.23
C LEU A 269 6.37 2.03 20.72
N GLY A 270 5.08 2.05 20.55
CA GLY A 270 4.31 3.15 20.08
C GLY A 270 4.47 3.35 18.56
N ILE A 271 4.58 2.20 17.85
CA ILE A 271 4.50 2.27 16.34
C ILE A 271 3.23 2.97 15.99
N ASP A 272 3.25 3.82 15.00
CA ASP A 272 2.12 4.62 14.64
C ASP A 272 0.94 3.98 13.90
N GLY A 273 1.22 2.92 13.20
CA GLY A 273 0.18 2.25 12.45
C GLY A 273 0.73 1.01 11.79
N LEU A 274 -0.26 0.27 11.22
CA LEU A 274 -0.02 -0.99 10.48
C LEU A 274 -0.61 -0.90 9.09
N ILE A 275 0.10 -1.51 8.12
CA ILE A 275 -0.42 -1.74 6.77
C ILE A 275 -0.66 -3.25 6.61
N VAL A 276 -1.91 -3.58 6.36
CA VAL A 276 -2.39 -4.93 6.35
C VAL A 276 -3.23 -5.14 5.11
N THR A 277 -2.72 -5.83 4.11
CA THR A 277 -1.60 -6.69 4.04
C THR A 277 -0.81 -6.52 2.75
N ASN A 278 0.38 -7.09 2.77
CA ASN A 278 1.22 -7.43 1.57
C ASN A 278 0.54 -8.58 0.83
N THR A 279 1.22 -9.04 -0.20
CA THR A 279 0.74 -10.18 -1.02
C THR A 279 0.94 -11.42 -0.21
N THR A 280 0.25 -12.48 -0.72
CA THR A 280 0.27 -13.79 -0.07
C THR A 280 1.18 -14.82 -0.83
N VAL A 281 1.89 -15.63 -0.06
CA VAL A 281 2.65 -16.76 -0.62
C VAL A 281 1.77 -17.99 -0.68
N SER A 282 0.59 -17.92 -0.14
CA SER A 282 -0.38 -18.98 -0.29
C SER A 282 -0.96 -19.00 -1.66
N ARG A 283 -1.62 -20.15 -1.99
CA ARG A 283 -2.37 -20.24 -3.19
C ARG A 283 -3.77 -20.83 -2.84
N PRO A 284 -4.67 -19.90 -2.57
CA PRO A 284 -6.04 -20.34 -2.15
C PRO A 284 -6.49 -21.33 -3.14
N ALA A 285 -7.29 -22.32 -2.63
CA ALA A 285 -7.96 -23.26 -3.51
C ALA A 285 -8.86 -22.55 -4.47
N GLY A 286 -8.93 -23.02 -5.70
CA GLY A 286 -9.79 -22.47 -6.69
C GLY A 286 -9.22 -21.59 -7.76
N LEU A 287 -7.94 -21.20 -7.58
CA LEU A 287 -7.34 -20.44 -8.66
C LEU A 287 -7.37 -21.19 -9.99
N GLN A 288 -7.68 -20.46 -11.00
CA GLN A 288 -7.85 -21.01 -12.36
C GLN A 288 -6.74 -20.62 -13.32
N GLY A 289 -6.11 -19.48 -13.10
CA GLY A 289 -5.09 -19.02 -14.05
C GLY A 289 -4.01 -20.09 -14.27
N ALA A 290 -3.60 -20.08 -15.58
CA ALA A 290 -2.53 -21.04 -15.95
C ALA A 290 -1.22 -20.84 -15.20
N LEU A 291 -1.04 -19.58 -14.75
CA LEU A 291 0.19 -19.12 -14.09
C LEU A 291 0.14 -19.20 -12.53
N ARG A 292 -0.89 -19.85 -12.01
CA ARG A 292 -1.06 -19.95 -10.57
C ARG A 292 0.03 -20.49 -9.77
N SER A 293 0.92 -21.36 -10.34
CA SER A 293 2.00 -21.98 -9.64
C SER A 293 3.37 -21.30 -9.84
N GLU A 294 3.36 -20.11 -10.45
CA GLU A 294 4.53 -19.27 -10.44
C GLU A 294 4.87 -18.88 -9.05
N THR A 295 6.18 -18.84 -8.71
CA THR A 295 6.65 -18.30 -7.45
C THR A 295 6.44 -16.79 -7.39
N GLY A 296 5.97 -16.35 -6.21
CA GLY A 296 5.84 -14.98 -5.85
C GLY A 296 4.64 -14.66 -4.98
N GLY A 297 4.37 -13.40 -4.81
CA GLY A 297 3.26 -12.95 -4.01
C GLY A 297 2.09 -12.78 -4.85
N LEU A 298 0.90 -13.31 -4.41
CA LEU A 298 -0.40 -13.22 -5.04
C LEU A 298 -1.22 -12.05 -4.47
N SER A 299 -1.74 -11.25 -5.40
CA SER A 299 -2.52 -10.08 -5.11
C SER A 299 -3.87 -10.08 -5.82
N GLY A 300 -4.79 -9.12 -5.57
CA GLY A 300 -6.05 -9.09 -6.23
C GLY A 300 -7.12 -9.89 -5.52
N LYS A 301 -8.18 -10.27 -6.23
CA LYS A 301 -9.37 -10.82 -5.63
C LYS A 301 -9.13 -11.98 -4.68
N PRO A 302 -8.22 -12.93 -4.98
CA PRO A 302 -8.04 -14.08 -4.10
C PRO A 302 -7.47 -13.75 -2.78
N LEU A 303 -6.83 -12.58 -2.68
CA LEU A 303 -6.26 -12.13 -1.40
C LEU A 303 -7.27 -11.37 -0.57
N ARG A 304 -8.32 -10.87 -1.18
CA ARG A 304 -9.22 -9.97 -0.52
C ARG A 304 -9.64 -10.31 0.89
N ASP A 305 -10.29 -11.47 1.04
CA ASP A 305 -10.81 -11.77 2.38
C ASP A 305 -9.81 -12.25 3.35
N LEU A 306 -8.68 -12.83 2.94
CA LEU A 306 -7.55 -13.09 3.79
C LEU A 306 -7.04 -11.82 4.40
N SER A 307 -6.96 -10.76 3.58
CA SER A 307 -6.54 -9.45 4.07
CA SER A 307 -6.50 -9.46 4.12
CA SER A 307 -6.53 -9.43 4.08
C SER A 307 -7.52 -8.82 5.06
N THR A 308 -8.79 -8.86 4.70
CA THR A 308 -9.87 -8.29 5.58
C THR A 308 -9.80 -8.98 6.93
N GLN A 309 -9.65 -10.28 6.92
CA GLN A 309 -9.58 -11.04 8.19
C GLN A 309 -8.36 -10.67 8.98
N THR A 310 -7.24 -10.37 8.34
CA THR A 310 -6.01 -10.02 9.05
C THR A 310 -6.21 -8.62 9.65
N ILE A 311 -6.88 -7.66 8.99
CA ILE A 311 -7.23 -6.35 9.51
C ILE A 311 -8.05 -6.59 10.78
N ARG A 312 -9.03 -7.45 10.66
CA ARG A 312 -9.93 -7.68 11.76
C ARG A 312 -9.20 -8.12 13.00
N GLU A 313 -8.32 -9.07 12.84
CA GLU A 313 -7.57 -9.60 13.92
C GLU A 313 -6.58 -8.58 14.50
N MET A 314 -5.89 -7.84 13.66
CA MET A 314 -4.97 -6.87 14.21
C MET A 314 -5.68 -5.72 14.88
N TYR A 315 -6.81 -5.27 14.45
CA TYR A 315 -7.65 -4.23 15.10
C TYR A 315 -8.00 -4.74 16.46
N ALA A 316 -8.47 -5.96 16.57
CA ALA A 316 -8.80 -6.43 17.92
C ALA A 316 -7.61 -6.60 18.81
N LEU A 317 -6.48 -7.09 18.39
CA LEU A 317 -5.24 -7.30 19.16
C LEU A 317 -4.70 -5.93 19.62
N THR A 318 -4.98 -4.91 18.88
CA THR A 318 -4.49 -3.57 19.24
C THR A 318 -5.52 -2.73 19.90
N GLN A 319 -6.69 -3.29 20.23
CA GLN A 319 -7.78 -2.57 20.90
CA GLN A 319 -7.79 -2.61 20.91
C GLN A 319 -8.27 -1.36 20.19
N GLY A 320 -8.15 -1.33 18.83
CA GLY A 320 -8.63 -0.30 18.02
C GLY A 320 -7.81 1.00 18.17
N ARG A 321 -6.70 0.94 18.81
CA ARG A 321 -5.91 2.13 19.17
C ARG A 321 -4.78 2.39 18.15
N VAL A 322 -4.59 1.47 17.18
CA VAL A 322 -3.50 1.59 16.23
C VAL A 322 -4.09 1.74 14.85
N PRO A 323 -3.88 2.83 14.13
CA PRO A 323 -4.47 2.97 12.82
C PRO A 323 -3.96 1.91 11.85
N ILE A 324 -4.87 1.41 11.03
CA ILE A 324 -4.59 0.41 10.03
C ILE A 324 -4.95 0.97 8.66
N ILE A 325 -3.98 0.72 7.75
CA ILE A 325 -4.25 0.92 6.32
C ILE A 325 -4.56 -0.46 5.74
N GLY A 326 -5.73 -0.65 5.20
CA GLY A 326 -6.15 -1.95 4.74
C GLY A 326 -5.93 -2.07 3.26
N VAL A 327 -5.33 -3.20 2.84
CA VAL A 327 -4.96 -3.39 1.43
C VAL A 327 -5.00 -4.89 1.11
N GLY A 328 -5.48 -5.18 -0.10
CA GLY A 328 -5.51 -6.50 -0.66
C GLY A 328 -6.83 -6.78 -1.27
N GLY A 329 -6.90 -6.80 -2.57
CA GLY A 329 -8.07 -7.13 -3.31
C GLY A 329 -9.21 -6.14 -3.28
N VAL A 330 -8.97 -4.86 -3.12
CA VAL A 330 -10.00 -3.85 -3.20
C VAL A 330 -10.20 -3.48 -4.63
N SER A 331 -11.42 -3.69 -5.14
CA SER A 331 -11.82 -3.23 -6.47
C SER A 331 -13.22 -2.61 -6.50
N SER A 332 -13.88 -2.38 -5.38
CA SER A 332 -15.12 -1.79 -5.28
C SER A 332 -15.31 -1.09 -3.97
N GLY A 333 -16.36 -0.29 -3.90
CA GLY A 333 -16.73 0.34 -2.66
C GLY A 333 -17.05 -0.59 -1.51
N GLN A 334 -17.75 -1.65 -1.92
CA GLN A 334 -18.08 -2.72 -0.94
C GLN A 334 -16.76 -3.27 -0.36
N ASP A 335 -15.77 -3.55 -1.20
CA ASP A 335 -14.55 -4.14 -0.69
C ASP A 335 -13.87 -3.14 0.24
N ALA A 336 -13.88 -1.85 -0.12
CA ALA A 336 -13.31 -0.83 0.75
C ALA A 336 -14.03 -0.73 2.11
N LEU A 337 -15.37 -0.70 2.04
CA LEU A 337 -16.15 -0.60 3.26
C LEU A 337 -15.96 -1.77 4.21
N GLU A 338 -15.84 -3.02 3.60
CA GLU A 338 -15.58 -4.20 4.41
C GLU A 338 -14.31 -4.05 5.21
N LYS A 339 -13.24 -3.51 4.57
CA LYS A 339 -12.05 -3.29 5.30
C LYS A 339 -12.08 -2.20 6.37
N ILE A 340 -12.79 -1.14 6.04
CA ILE A 340 -13.03 -0.07 7.03
C ILE A 340 -13.79 -0.55 8.24
N ARG A 341 -14.87 -1.28 7.97
CA ARG A 341 -15.69 -1.83 9.07
C ARG A 341 -14.96 -2.81 9.91
N ALA A 342 -13.98 -3.53 9.31
CA ALA A 342 -13.12 -4.44 10.02
C ALA A 342 -11.98 -3.84 10.91
N GLY A 343 -11.78 -2.54 10.60
CA GLY A 343 -10.82 -1.77 11.33
C GLY A 343 -9.87 -0.89 10.60
N ALA A 344 -9.97 -0.85 9.30
CA ALA A 344 -9.09 0.08 8.55
C ALA A 344 -9.56 1.51 8.62
N SER A 345 -8.59 2.44 8.88
CA SER A 345 -8.86 3.83 8.67
C SER A 345 -8.77 4.43 7.30
N LEU A 346 -7.92 3.75 6.46
CA LEU A 346 -7.66 4.08 5.13
C LEU A 346 -7.54 2.74 4.35
N VAL A 347 -7.66 2.77 3.04
CA VAL A 347 -7.44 1.59 2.22
C VAL A 347 -6.49 1.91 1.11
N GLN A 348 -5.85 0.90 0.52
CA GLN A 348 -5.10 1.07 -0.65
C GLN A 348 -5.50 0.04 -1.70
N LEU A 349 -5.21 0.27 -2.97
CA LEU A 349 -5.36 -0.71 -4.02
C LEU A 349 -4.24 -0.64 -5.02
N TYR A 350 -4.05 -1.68 -5.78
CA TYR A 350 -3.08 -1.72 -6.83
C TYR A 350 -3.53 -2.63 -7.97
N THR A 351 -3.68 -3.90 -7.66
CA THR A 351 -3.92 -4.90 -8.71
C THR A 351 -5.18 -4.58 -9.47
N ALA A 352 -6.23 -4.00 -8.91
CA ALA A 352 -7.45 -3.63 -9.64
C ALA A 352 -7.18 -2.79 -10.85
N LEU A 353 -6.10 -2.04 -10.78
CA LEU A 353 -5.77 -1.19 -12.01
C LEU A 353 -5.46 -1.99 -13.22
N THR A 354 -4.90 -3.17 -13.18
CA THR A 354 -4.61 -3.93 -14.39
C THR A 354 -5.88 -4.44 -15.05
N PHE A 355 -6.99 -4.52 -14.32
CA PHE A 355 -8.23 -5.09 -14.83
C PHE A 355 -9.19 -3.98 -15.17
N TRP A 356 -9.25 -2.90 -14.39
CA TRP A 356 -10.22 -1.84 -14.52
C TRP A 356 -9.60 -0.57 -15.05
N GLY A 357 -8.30 -0.40 -14.91
CA GLY A 357 -7.62 0.83 -15.15
C GLY A 357 -7.91 1.93 -14.22
N PRO A 358 -7.39 3.15 -14.42
CA PRO A 358 -7.60 4.29 -13.56
C PRO A 358 -9.01 4.63 -13.14
N PRO A 359 -10.06 4.41 -14.00
CA PRO A 359 -11.40 4.72 -13.56
C PRO A 359 -11.86 3.97 -12.30
N VAL A 360 -11.10 2.93 -11.95
CA VAL A 360 -11.46 2.21 -10.70
C VAL A 360 -11.41 3.08 -9.47
N VAL A 361 -10.57 4.10 -9.45
CA VAL A 361 -10.38 4.89 -8.26
C VAL A 361 -11.72 5.64 -7.97
N GLY A 362 -12.22 6.37 -8.96
CA GLY A 362 -13.48 7.09 -8.73
C GLY A 362 -14.62 6.15 -8.48
N LYS A 363 -14.59 4.98 -9.09
CA LYS A 363 -15.65 3.96 -8.85
C LYS A 363 -15.69 3.60 -7.42
N VAL A 364 -14.53 3.24 -6.89
CA VAL A 364 -14.43 2.88 -5.47
C VAL A 364 -14.96 3.99 -4.54
N LYS A 365 -14.53 5.25 -4.79
CA LYS A 365 -14.93 6.34 -3.97
C LYS A 365 -16.45 6.56 -4.05
N ARG A 366 -16.96 6.55 -5.28
CA ARG A 366 -18.42 6.79 -5.46
C ARG A 366 -19.25 5.71 -4.75
N GLU A 367 -18.84 4.48 -4.96
CA GLU A 367 -19.54 3.36 -4.35
C GLU A 367 -19.45 3.40 -2.82
N LEU A 368 -18.27 3.71 -2.25
CA LEU A 368 -18.06 3.82 -0.85
C LEU A 368 -18.96 4.90 -0.23
N GLU A 369 -18.98 6.07 -0.88
CA GLU A 369 -19.88 7.13 -0.40
C GLU A 369 -21.35 6.61 -0.33
N ALA A 370 -21.78 5.99 -1.38
CA ALA A 370 -23.17 5.50 -1.44
C ALA A 370 -23.50 4.51 -0.34
N LEU A 371 -22.58 3.56 -0.09
CA LEU A 371 -22.79 2.61 0.93
C LEU A 371 -22.77 3.19 2.30
N LEU A 372 -21.87 4.15 2.56
CA LEU A 372 -21.80 4.76 3.83
C LEU A 372 -23.21 5.38 4.18
N LYS A 373 -23.74 6.06 3.20
CA LYS A 373 -25.08 6.75 3.38
C LYS A 373 -26.10 5.67 3.62
N GLU A 374 -26.07 4.60 2.83
CA GLU A 374 -27.05 3.51 2.94
C GLU A 374 -27.00 2.80 4.25
N GLN A 375 -25.85 2.76 4.93
CA GLN A 375 -25.68 2.03 6.19
C GLN A 375 -25.72 2.90 7.47
N GLY A 376 -26.01 4.17 7.21
CA GLY A 376 -26.30 5.21 8.21
C GLY A 376 -25.03 5.76 8.87
N PHE A 377 -23.93 5.72 8.12
CA PHE A 377 -22.74 6.37 8.61
C PHE A 377 -22.61 7.80 8.12
N GLY A 378 -22.25 8.67 9.06
CA GLY A 378 -22.07 10.11 8.77
C GLY A 378 -20.87 10.38 7.88
N GLY A 379 -19.89 9.48 7.99
CA GLY A 379 -18.72 9.55 7.13
C GLY A 379 -17.88 8.30 7.37
N VAL A 380 -16.73 8.23 6.69
CA VAL A 380 -15.83 7.13 6.86
C VAL A 380 -15.46 6.96 8.21
N THR A 381 -15.12 8.04 8.97
CA THR A 381 -14.69 7.91 10.30
C THR A 381 -15.62 7.10 11.30
N ASP A 382 -16.88 7.29 11.07
CA ASP A 382 -17.94 6.62 11.84
C ASP A 382 -17.99 5.10 11.57
N ALA A 383 -17.50 4.73 10.39
CA ALA A 383 -17.49 3.28 9.98
C ALA A 383 -16.27 2.51 10.44
N ILE A 384 -15.18 3.21 10.78
CA ILE A 384 -13.98 2.52 11.17
C ILE A 384 -14.16 1.61 12.33
N GLY A 385 -13.94 0.32 12.13
CA GLY A 385 -14.12 -0.67 13.17
C GLY A 385 -15.57 -0.94 13.55
N ALA A 386 -16.48 -0.55 12.77
CA ALA A 386 -17.99 -0.68 13.14
C ALA A 386 -18.33 -2.12 13.41
N ASP A 387 -17.66 -3.10 12.76
CA ASP A 387 -18.05 -4.55 12.99
C ASP A 387 -17.74 -5.02 14.36
N HIS A 388 -16.83 -4.37 15.07
CA HIS A 388 -16.39 -4.82 16.38
C HIS A 388 -17.32 -4.29 17.49
N ARG A 389 -18.19 -3.40 17.12
CA ARG A 389 -19.17 -2.78 18.08
C ARG A 389 -20.59 -3.34 17.81
N ARG A 390 -20.69 -4.40 16.99
CA ARG A 390 -21.96 -5.15 16.66
C ARG A 390 -22.27 -6.25 17.68
N1 FMN B . 4.36 -3.88 -1.50
C2 FMN B . 5.37 -3.32 -0.88
O2 FMN B . 5.29 -3.06 0.28
N3 FMN B . 6.48 -2.99 -1.54
C4 FMN B . 6.66 -3.22 -2.84
O4 FMN B . 7.67 -2.89 -3.43
C4A FMN B . 5.57 -3.89 -3.57
N5 FMN B . 5.63 -4.20 -4.86
C5A FMN B . 4.58 -4.75 -5.50
C6 FMN B . 4.60 -5.03 -6.86
C7 FMN B . 3.54 -5.59 -7.49
C7M FMN B . 3.56 -5.89 -8.96
C8 FMN B . 2.34 -5.91 -6.72
C8M FMN B . 1.14 -6.51 -7.43
C9 FMN B . 2.30 -5.63 -5.38
C9A FMN B . 3.37 -5.06 -4.74
N10 FMN B . 3.31 -4.77 -3.39
C10 FMN B . 4.38 -4.19 -2.79
C1' FMN B . 2.12 -5.11 -2.59
C2' FMN B . 0.97 -4.15 -2.65
O2' FMN B . 1.45 -3.00 -2.04
C3' FMN B . -0.24 -4.68 -1.89
O3' FMN B . 0.12 -4.86 -0.54
C4' FMN B . -0.80 -5.96 -2.49
O4' FMN B . -0.60 -6.08 -3.88
C5' FMN B . -2.29 -6.10 -2.19
O5' FMN B . -3.08 -5.12 -2.74
P FMN B . -3.85 -5.29 -4.16
O1P FMN B . -4.75 -4.18 -4.26
O2P FMN B . -2.80 -5.32 -5.18
O3P FMN B . -4.54 -6.61 -4.11
N1 ORO C . 6.50 -7.75 -4.12
C2 ORO C . 5.51 -7.80 -3.25
O2 ORO C . 4.52 -8.39 -3.54
N3 ORO C . 5.62 -7.20 -2.10
C4 ORO C . 6.69 -6.52 -1.74
O4 ORO C . 6.71 -6.03 -0.63
C5 ORO C . 7.73 -6.46 -2.64
C6 ORO C . 7.60 -7.07 -3.84
C7 ORO C . 8.75 -7.11 -4.81
O71 ORO C . 9.44 -6.15 -5.04
O72 ORO C . 8.94 -8.21 -5.24
S SO4 D . 13.41 22.72 9.24
O1 SO4 D . 12.24 23.27 9.85
O2 SO4 D . 14.48 23.76 9.38
O3 SO4 D . 13.25 22.43 7.79
O4 SO4 D . 13.65 21.44 10.00
S SO4 E . 14.27 0.71 -14.71
O1 SO4 E . 15.71 0.70 -14.44
O2 SO4 E . 13.56 1.78 -13.98
O3 SO4 E . 13.64 -0.58 -14.30
O4 SO4 E . 14.17 0.93 -16.19
S SO4 F . 5.83 29.77 -1.22
O1 SO4 F . 6.58 28.76 -0.41
O2 SO4 F . 5.41 30.82 -0.23
O3 SO4 F . 6.59 30.41 -2.39
O4 SO4 F . 4.66 29.13 -1.92
S SO4 G . 10.53 29.05 2.40
O1 SO4 G . 10.89 28.60 3.78
O2 SO4 G . 10.26 30.54 2.42
O3 SO4 G . 11.66 28.65 1.59
O4 SO4 G . 9.36 28.29 1.89
S SO4 H . 10.74 18.66 19.10
O1 SO4 H . 10.76 18.14 20.49
O2 SO4 H . 11.05 20.08 18.85
O3 SO4 H . 11.88 18.06 18.37
O4 SO4 H . 9.38 18.37 18.53
C1 1KL I . -2.51 3.64 -21.22
C2 1KL I . -1.60 3.02 -20.54
C4 1KL I . -2.37 3.50 -22.67
O5 1KL I . -3.18 4.00 -23.44
O6 1KL I . -1.40 2.63 -23.09
C7 1KL I . -1.24 2.53 -24.55
C8 1KL I . -3.46 4.40 -20.77
C10 1KL I . -4.56 5.61 -19.16
C11 1KL I . -4.97 6.45 -20.42
C14 1KL I . -3.37 3.70 -18.39
C15 1KL I . -3.70 2.39 -18.53
C16 1KL I . -3.42 1.48 -17.50
C17 1KL I . -2.79 1.91 -16.38
C18 1KL I . -2.47 3.25 -16.25
C19 1KL I . -2.72 4.15 -17.28
C20 1KL I . -2.39 0.94 -15.28
N3 1KL I . -0.74 2.42 -19.96
N9 1KL I . -3.73 4.64 -19.48
S12 1KL I . -4.43 5.49 -21.76
O13 1KL I . -5.14 5.91 -18.05
O21 1KL I . -2.40 1.36 -14.12
N22 1KL I . -1.92 -0.25 -15.68
C23 1KL I . -1.43 -1.27 -14.94
C24 1KL I . -1.68 -1.41 -13.59
C25 1KL I . -1.12 -2.51 -12.92
C26 1KL I . -0.39 -3.53 -13.49
C27 1KL I . -0.14 -3.34 -14.85
C28 1KL I . -0.63 -2.22 -15.52
C29 1KL I . 0.20 -4.73 -12.79
C30 1KL I . 1.71 -4.47 -12.38
C31 1KL I . 0.03 -6.04 -13.64
C32 1KL I . -0.48 -5.00 -11.40
C ACT J . 8.76 -11.37 25.44
O ACT J . 8.09 -10.56 26.14
OXT ACT J . 8.29 -12.48 25.17
CH3 ACT J . 10.10 -11.06 24.85
C ACT K . -5.64 -15.26 13.51
O ACT K . -5.36 -15.58 14.73
OXT ACT K . -6.06 -13.94 13.11
CH3 ACT K . -4.79 -16.21 12.68
#